data_9PQD
#
_entry.id   9PQD
#
_cell.length_a   1.00
_cell.length_b   1.00
_cell.length_c   1.00
_cell.angle_alpha   90.00
_cell.angle_beta   90.00
_cell.angle_gamma   90.00
#
_symmetry.space_group_name_H-M   'P 1'
#
loop_
_entity.id
_entity.type
_entity.pdbx_description
1 polymer 'Alpha-2A adrenergic receptor'
2 non-polymer (6M)-1-methyl-6-(1,2,5,6-tetrahydropyridin-3-yl)-1H-indole
#
_entity_poly.entity_id   1
_entity_poly.type   'polypeptide(L)'
_entity_poly.pdbx_seq_one_letter_code
;MKTIIALSYIFCLVFADYKDDDDASIDFRQEQPLAEGSFAPMGSLQPDAGNASWNGTEAPGGGARATPYSLQVTLTLVCL
AGLLMLLTVFGNVLVIIAVFTSRALKAPQNLFLVSLASADILVATLVIPFSLANEVMGYWYFGKAWCEIYLALDVLFCTS
SIVHLCAISLDRYWSITQAIEYNLKRTPRRIKAIIITVWVISAVISFPPLISIEKKGGGGGPQPAEPRCEINDQKWYVIS
SCIGSFFAPCLIMILVYVRIYQIAKRRTRVPPSRRGPDAVAAPPGGTERRPNGLGPERSAGPGGAEAEPLPTQLNGAPGE
PAPAGPRDTDALDLEESSSSDHAERPPGPRRPERGPRGKGKARASQVKPGDSLPRRGPGATGIGTPAAGPGEERVGAAKA
SRWRGRQNREKRFTFVLAVVIGVFVVCWFPFFFTYTLTAVGCSVPRTLFKFFFWFGYCNSSLNPVIYTIFNHDFRRAFKK
ILCRGDRKRIV
;
_entity_poly.pdbx_strand_id   R
#
loop_
_chem_comp.id
_chem_comp.type
_chem_comp.name
_chem_comp.formula
A1CIZ non-polymer (6M)-1-methyl-6-(1,2,5,6-tetrahydropyridin-3-yl)-1H-indole 'C14 H16 N2'
#
# COMPACT_ATOMS: atom_id res chain seq x y z
N PRO A 68 7.15 10.55 29.24
CA PRO A 68 6.89 10.73 27.78
C PRO A 68 7.96 10.05 26.94
N TYR A 69 9.10 10.72 26.75
CA TYR A 69 10.23 10.08 26.02
C TYR A 69 11.52 10.77 26.43
N SER A 70 12.62 10.47 25.75
CA SER A 70 13.96 11.00 26.14
C SER A 70 14.31 12.36 25.54
N LEU A 71 13.48 12.94 24.67
CA LEU A 71 13.85 14.21 24.01
C LEU A 71 14.93 13.91 22.97
N GLN A 72 16.01 13.29 23.41
CA GLN A 72 17.04 12.89 22.43
C GLN A 72 16.40 11.88 21.49
N VAL A 73 15.59 10.98 22.05
CA VAL A 73 14.87 10.00 21.19
C VAL A 73 13.83 10.75 20.37
N THR A 74 13.16 11.72 20.98
CA THR A 74 12.06 12.40 20.29
C THR A 74 12.60 12.98 19.03
N LEU A 75 13.80 13.54 19.08
CA LEU A 75 14.42 14.03 17.83
C LEU A 75 14.83 12.84 16.95
N THR A 76 15.01 11.65 17.53
CA THR A 76 15.37 10.48 16.74
C THR A 76 14.16 9.93 16.03
N LEU A 77 13.03 9.86 16.72
CA LEU A 77 11.79 9.43 16.10
C LEU A 77 11.35 10.36 14.98
N VAL A 78 11.39 11.68 15.21
CA VAL A 78 10.91 12.62 14.21
C VAL A 78 11.78 12.58 12.97
N CYS A 79 13.09 12.40 13.15
CA CYS A 79 14.00 12.29 12.02
C CYS A 79 13.91 10.94 11.32
N LEU A 80 13.55 9.88 12.04
CA LEU A 80 13.24 8.62 11.37
C LEU A 80 12.02 8.78 10.48
N ALA A 81 10.96 9.38 10.99
CA ALA A 81 9.90 9.91 10.15
C ALA A 81 10.44 11.20 9.53
N GLY A 82 9.61 11.94 8.80
CA GLY A 82 10.14 13.09 8.09
C GLY A 82 10.95 12.62 6.91
N LEU A 83 12.01 11.85 7.16
CA LEU A 83 12.66 11.10 6.11
C LEU A 83 11.73 10.09 5.46
N LEU A 84 10.89 9.41 6.24
CA LEU A 84 9.89 8.52 5.68
C LEU A 84 8.88 9.30 4.83
N MET A 85 8.47 10.47 5.31
CA MET A 85 7.55 11.31 4.54
C MET A 85 8.18 11.75 3.22
N LEU A 86 9.43 12.19 3.29
CA LEU A 86 10.16 12.62 2.10
C LEU A 86 10.38 11.49 1.12
N LEU A 87 10.57 10.26 1.61
CA LEU A 87 10.70 9.10 0.76
C LEU A 87 9.38 8.61 0.19
N THR A 88 8.27 8.80 0.91
CA THR A 88 6.97 8.41 0.39
C THR A 88 6.44 9.41 -0.62
N VAL A 89 6.80 10.68 -0.49
CA VAL A 89 6.35 11.69 -1.44
C VAL A 89 7.47 11.97 -2.43
N PHE A 90 8.40 11.04 -2.56
CA PHE A 90 9.45 11.16 -3.58
C PHE A 90 9.31 10.06 -4.60
N GLY A 91 8.84 8.89 -4.17
CA GLY A 91 8.57 7.81 -5.10
C GLY A 91 7.18 7.90 -5.68
N ASN A 92 6.20 8.15 -4.82
CA ASN A 92 4.81 8.25 -5.27
C ASN A 92 4.59 9.47 -6.16
N VAL A 93 5.41 10.50 -6.03
CA VAL A 93 5.35 11.64 -6.95
C VAL A 93 6.15 11.40 -8.22
N LEU A 94 7.29 10.73 -8.12
CA LEU A 94 8.04 10.34 -9.32
C LEU A 94 7.26 9.37 -10.21
N VAL A 95 6.35 8.59 -9.63
CA VAL A 95 5.49 7.73 -10.45
C VAL A 95 4.49 8.57 -11.24
N ILE A 96 3.91 9.58 -10.59
CA ILE A 96 2.90 10.40 -11.26
C ILE A 96 3.55 11.29 -12.32
N ILE A 97 4.72 11.86 -12.03
CA ILE A 97 5.39 12.72 -13.00
C ILE A 97 6.02 11.85 -14.07
N ALA A 98 5.83 10.53 -13.96
CA ALA A 98 6.36 9.60 -14.95
C ALA A 98 5.28 9.01 -15.86
N VAL A 99 4.10 8.69 -15.34
CA VAL A 99 3.05 8.14 -16.20
C VAL A 99 2.52 9.21 -17.15
N PHE A 100 2.35 10.44 -16.65
CA PHE A 100 1.74 11.51 -17.44
C PHE A 100 2.80 12.28 -18.23
N THR A 101 3.99 11.68 -18.34
CA THR A 101 5.08 12.41 -18.96
C THR A 101 5.77 11.62 -20.07
N SER A 102 5.73 10.30 -20.00
CA SER A 102 6.47 9.45 -20.93
C SER A 102 5.49 8.78 -21.88
N ARG A 103 5.69 8.77 -23.21
CA ARG A 103 4.62 8.21 -24.08
C ARG A 103 4.61 6.67 -24.04
N ALA A 104 5.31 6.06 -23.10
CA ALA A 104 5.51 4.62 -23.05
C ALA A 104 4.67 4.02 -21.94
N LEU A 105 4.21 4.88 -21.03
CA LEU A 105 3.38 4.47 -19.91
C LEU A 105 1.94 4.93 -20.06
N LYS A 106 1.59 5.50 -21.22
CA LYS A 106 0.24 5.97 -21.44
C LYS A 106 -0.67 4.81 -21.79
N ALA A 107 -0.73 3.81 -20.91
CA ALA A 107 -1.57 2.64 -21.07
C ALA A 107 -2.74 2.70 -20.09
N PRO A 108 -3.86 2.07 -20.42
CA PRO A 108 -5.00 2.05 -19.50
C PRO A 108 -4.67 1.37 -18.19
N GLN A 109 -3.73 0.43 -18.22
CA GLN A 109 -3.36 -0.34 -17.04
C GLN A 109 -2.41 0.41 -16.12
N ASN A 110 -1.89 1.56 -16.55
CA ASN A 110 -0.94 2.33 -15.76
C ASN A 110 -1.62 3.39 -14.92
N LEU A 111 -2.94 3.52 -15.00
CA LEU A 111 -3.68 4.44 -14.15
C LEU A 111 -3.88 3.89 -12.75
N PHE A 112 -3.72 2.58 -12.56
CA PHE A 112 -3.79 1.96 -11.25
C PHE A 112 -2.64 2.36 -10.35
N LEU A 113 -1.50 2.70 -10.94
CA LEU A 113 -0.31 3.06 -10.19
C LEU A 113 -0.27 4.54 -9.83
N VAL A 114 -1.12 5.36 -10.47
CA VAL A 114 -1.21 6.79 -10.14
C VAL A 114 -2.15 7.04 -8.97
N SER A 115 -3.31 6.40 -8.94
CA SER A 115 -4.18 6.48 -7.78
C SER A 115 -3.55 5.89 -6.52
N LEU A 116 -2.86 4.76 -6.63
CA LEU A 116 -2.12 4.20 -5.51
C LEU A 116 -1.03 5.15 -5.01
N ALA A 117 -0.28 5.76 -5.92
CA ALA A 117 0.71 6.75 -5.52
C ALA A 117 0.08 7.94 -4.84
N SER A 118 -1.07 8.40 -5.35
CA SER A 118 -1.77 9.51 -4.70
C SER A 118 -2.17 9.13 -3.29
N ALA A 119 -2.69 7.90 -3.11
CA ALA A 119 -3.07 7.45 -1.77
C ALA A 119 -1.87 7.39 -0.84
N ASP A 120 -0.72 6.93 -1.35
CA ASP A 120 0.48 6.88 -0.53
C ASP A 120 0.95 8.27 -0.13
N ILE A 121 0.93 9.21 -1.07
CA ILE A 121 1.35 10.58 -0.78
C ILE A 121 0.39 11.19 0.23
N LEU A 122 -0.89 10.84 0.12
CA LEU A 122 -1.89 11.34 1.05
C LEU A 122 -1.66 10.79 2.45
N VAL A 123 -1.39 9.48 2.58
CA VAL A 123 -1.12 8.94 3.91
C VAL A 123 0.11 9.60 4.51
N ALA A 124 1.21 9.65 3.76
CA ALA A 124 2.46 10.11 4.34
C ALA A 124 2.39 11.53 4.86
N THR A 125 1.49 12.36 4.32
CA THR A 125 1.42 13.77 4.68
C THR A 125 0.10 14.13 5.34
N LEU A 126 -0.75 13.15 5.63
CA LEU A 126 -2.01 13.47 6.26
C LEU A 126 -2.32 12.58 7.45
N VAL A 127 -1.56 11.49 7.65
CA VAL A 127 -1.81 10.61 8.78
C VAL A 127 -0.52 10.32 9.54
N ILE A 128 0.62 10.48 8.87
CA ILE A 128 1.91 10.22 9.50
C ILE A 128 2.30 11.41 10.36
N PRO A 129 2.20 12.64 9.86
CA PRO A 129 2.62 13.80 10.67
C PRO A 129 1.92 13.83 12.02
N PHE A 130 0.67 13.41 12.05
CA PHE A 130 -0.11 13.39 13.29
C PHE A 130 0.11 12.13 14.10
N SER A 131 0.50 11.05 13.45
CA SER A 131 0.81 9.82 14.21
C SER A 131 2.09 10.09 14.99
N LEU A 132 3.04 10.78 14.38
CA LEU A 132 4.24 11.15 15.12
C LEU A 132 3.89 11.97 16.35
N ALA A 133 2.86 12.79 16.20
CA ALA A 133 2.45 13.67 17.30
C ALA A 133 1.84 12.82 18.40
N ASN A 134 0.90 11.97 18.04
CA ASN A 134 0.18 11.24 19.10
C ASN A 134 1.21 10.44 19.88
N GLU A 135 2.19 9.84 19.19
CA GLU A 135 3.12 8.92 19.88
C GLU A 135 4.23 9.59 20.66
N VAL A 136 4.83 10.66 20.15
CA VAL A 136 6.03 11.14 20.88
C VAL A 136 5.56 12.15 21.93
N MET A 137 4.62 13.01 21.53
CA MET A 137 4.07 13.88 22.55
C MET A 137 3.43 13.06 23.66
N GLY A 138 2.54 12.15 23.28
CA GLY A 138 1.88 11.29 24.24
C GLY A 138 0.39 11.55 24.32
N TYR A 139 0.03 12.83 24.30
CA TYR A 139 -1.36 13.23 24.29
C TYR A 139 -1.75 13.74 22.90
N TRP A 140 -3.06 13.85 22.69
CA TRP A 140 -3.58 14.37 21.42
C TRP A 140 -3.86 15.85 21.61
N TYR A 141 -2.94 16.69 21.10
CA TYR A 141 -3.05 18.13 21.24
C TYR A 141 -4.42 18.62 20.77
N PHE A 142 -4.88 18.06 19.67
CA PHE A 142 -6.20 18.43 19.14
C PHE A 142 -7.24 17.66 19.89
N GLY A 143 -8.51 17.89 19.59
CA GLY A 143 -9.53 17.06 20.20
C GLY A 143 -10.78 16.92 19.36
N LYS A 144 -11.14 15.67 19.06
CA LYS A 144 -12.41 15.33 18.41
C LYS A 144 -12.76 16.23 17.23
N ALA A 145 -11.77 16.77 16.54
CA ALA A 145 -12.06 17.52 15.33
C ALA A 145 -10.95 17.38 14.29
N TRP A 146 -9.88 16.68 14.66
N TRP A 146 -9.96 16.57 14.67
CA TRP A 146 -8.93 16.15 13.70
CA TRP A 146 -8.84 16.21 13.78
C TRP A 146 -8.45 14.79 14.21
C TRP A 146 -8.41 14.83 14.25
N CYS A 147 -9.07 14.31 15.30
CA CYS A 147 -8.82 12.98 15.80
C CYS A 147 -9.76 11.94 15.21
N GLU A 148 -11.07 12.20 15.21
CA GLU A 148 -12.00 11.32 14.51
C GLU A 148 -11.82 11.34 13.00
N ILE A 149 -11.25 12.44 12.52
CA ILE A 149 -10.91 12.56 11.08
C ILE A 149 -9.59 11.83 10.84
N TYR A 150 -8.61 11.98 11.70
CA TYR A 150 -7.35 11.21 11.53
C TYR A 150 -7.58 9.71 11.64
N LEU A 151 -8.41 9.25 12.57
CA LEU A 151 -8.48 7.77 12.76
C LEU A 151 -9.31 7.18 11.63
N ALA A 152 -10.07 8.01 10.95
CA ALA A 152 -10.87 7.55 9.82
C ALA A 152 -10.20 7.77 8.48
N LEU A 153 -9.32 8.77 8.37
CA LEU A 153 -8.51 8.96 7.18
C LEU A 153 -7.35 7.99 7.09
N ASP A 154 -6.92 7.42 8.22
CA ASP A 154 -5.94 6.34 8.17
C ASP A 154 -6.52 5.07 7.57
N VAL A 155 -7.70 4.67 8.02
CA VAL A 155 -8.33 3.44 7.57
C VAL A 155 -8.84 3.62 6.15
N LEU A 156 -8.94 4.87 5.71
CA LEU A 156 -9.34 5.17 4.34
C LEU A 156 -8.17 5.33 3.38
N PHE A 157 -6.97 5.59 3.88
CA PHE A 157 -5.81 5.74 3.03
C PHE A 157 -4.94 4.49 3.00
N CYS A 158 -5.10 3.58 3.96
CA CYS A 158 -4.38 2.31 3.87
C CYS A 158 -5.24 1.21 3.23
N THR A 159 -6.55 1.30 3.41
CA THR A 159 -7.46 0.36 2.77
C THR A 159 -7.69 0.78 1.33
N SER A 160 -7.11 1.90 0.92
CA SER A 160 -7.18 2.35 -0.46
C SER A 160 -5.84 2.11 -1.13
N SER A 161 -4.89 1.57 -0.37
CA SER A 161 -3.63 1.09 -0.90
C SER A 161 -3.58 -0.43 -0.98
N ILE A 162 -4.08 -1.12 0.04
CA ILE A 162 -4.14 -2.58 -0.01
C ILE A 162 -5.09 -3.02 -1.13
N VAL A 163 -6.27 -2.42 -1.17
CA VAL A 163 -7.24 -2.75 -2.21
C VAL A 163 -6.77 -2.35 -3.60
N HIS A 164 -5.91 -1.33 -3.70
CA HIS A 164 -5.28 -1.00 -4.97
C HIS A 164 -4.20 -1.98 -5.37
N LEU A 165 -3.43 -2.49 -4.42
CA LEU A 165 -2.50 -3.57 -4.69
C LEU A 165 -3.20 -4.84 -5.14
N CYS A 166 -4.39 -5.11 -4.61
CA CYS A 166 -5.19 -6.24 -5.08
C CYS A 166 -5.63 -6.04 -6.52
N ALA A 167 -6.11 -4.85 -6.86
CA ALA A 167 -6.59 -4.54 -8.20
C ALA A 167 -5.45 -4.61 -9.22
N ILE A 168 -4.29 -4.09 -8.84
CA ILE A 168 -3.14 -4.04 -9.73
C ILE A 168 -2.70 -5.46 -10.07
N SER A 169 -2.93 -6.39 -9.15
CA SER A 169 -2.56 -7.79 -9.36
C SER A 169 -3.64 -8.55 -10.12
N LEU A 170 -4.90 -8.21 -9.94
CA LEU A 170 -5.96 -8.82 -10.73
C LEU A 170 -5.96 -8.37 -12.19
N ASP A 171 -5.63 -7.12 -12.48
CA ASP A 171 -5.47 -6.67 -13.86
C ASP A 171 -4.14 -7.13 -14.41
N ARG A 172 -3.34 -7.76 -13.57
CA ARG A 172 -2.01 -8.22 -13.95
C ARG A 172 -2.06 -9.71 -14.14
N TYR A 173 -3.22 -10.28 -13.82
CA TYR A 173 -3.48 -11.72 -13.97
C TYR A 173 -4.52 -12.02 -15.03
N TRP A 174 -5.57 -11.22 -15.16
CA TRP A 174 -6.52 -11.39 -16.25
C TRP A 174 -5.89 -11.19 -17.60
N SER A 175 -4.83 -10.39 -17.69
CA SER A 175 -4.13 -10.15 -18.94
C SER A 175 -3.09 -11.18 -19.23
N ILE A 176 -3.00 -12.23 -18.40
CA ILE A 176 -2.07 -13.35 -18.69
C ILE A 176 -2.96 -14.55 -18.95
N THR A 177 -3.81 -14.94 -18.02
CA THR A 177 -4.77 -16.04 -18.24
C THR A 177 -5.78 -15.82 -19.34
N GLN A 178 -6.37 -14.62 -19.46
CA GLN A 178 -7.35 -14.27 -20.51
C GLN A 178 -6.62 -13.22 -21.31
N ALA A 179 -5.62 -13.61 -22.07
CA ALA A 179 -4.70 -12.68 -22.69
C ALA A 179 -5.27 -11.94 -23.88
N ILE A 180 -5.89 -12.64 -24.83
CA ILE A 180 -6.37 -11.99 -26.05
C ILE A 180 -7.79 -11.43 -25.89
N GLU A 181 -8.64 -12.07 -25.09
CA GLU A 181 -9.97 -11.54 -24.84
C GLU A 181 -9.95 -10.35 -23.91
N TYR A 182 -8.89 -10.14 -23.13
CA TYR A 182 -8.97 -9.09 -22.07
C TYR A 182 -8.58 -7.77 -22.59
N ASN A 183 -7.76 -7.71 -23.63
CA ASN A 183 -7.24 -6.41 -24.10
C ASN A 183 -8.42 -5.55 -24.54
N LEU A 184 -9.41 -6.14 -25.22
CA LEU A 184 -10.59 -5.40 -25.73
C LEU A 184 -11.52 -5.00 -24.57
N LYS A 185 -11.20 -5.34 -23.32
CA LYS A 185 -12.01 -5.10 -22.14
C LYS A 185 -11.13 -4.37 -21.13
N ARG A 186 -10.07 -3.73 -21.64
CA ARG A 186 -9.05 -3.07 -20.85
C ARG A 186 -9.01 -1.60 -21.17
N THR A 187 -10.07 -1.08 -21.77
CA THR A 187 -10.08 0.30 -22.20
C THR A 187 -9.95 1.22 -20.99
N PRO A 188 -9.44 2.45 -21.19
CA PRO A 188 -9.24 3.34 -20.05
C PRO A 188 -10.52 3.61 -19.26
N ARG A 189 -11.69 3.49 -19.90
CA ARG A 189 -12.94 3.61 -19.17
C ARG A 189 -13.07 2.54 -18.10
N ARG A 190 -12.74 1.29 -18.41
CA ARG A 190 -12.77 0.24 -17.40
C ARG A 190 -11.77 0.48 -16.27
N ILE A 191 -10.56 0.95 -16.59
CA ILE A 191 -9.59 1.22 -15.55
C ILE A 191 -10.07 2.34 -14.65
N LYS A 192 -10.61 3.42 -15.22
CA LYS A 192 -11.16 4.50 -14.42
C LYS A 192 -12.33 4.04 -13.57
N ALA A 193 -13.23 3.23 -14.10
CA ALA A 193 -14.37 2.74 -13.33
C ALA A 193 -13.96 1.76 -12.24
N ILE A 194 -12.79 1.15 -12.34
CA ILE A 194 -12.28 0.30 -11.27
C ILE A 194 -11.57 1.12 -10.21
N ILE A 195 -10.84 2.15 -10.63
CA ILE A 195 -10.19 3.05 -9.68
C ILE A 195 -11.22 3.84 -8.88
N ILE A 196 -12.34 4.21 -9.51
CA ILE A 196 -13.40 4.92 -8.80
C ILE A 196 -14.18 4.02 -7.86
N THR A 197 -14.12 2.71 -8.05
CA THR A 197 -14.77 1.77 -7.15
C THR A 197 -13.86 1.31 -6.01
N VAL A 198 -12.58 1.10 -6.28
CA VAL A 198 -11.66 0.76 -5.19
C VAL A 198 -11.63 1.89 -4.17
N TRP A 199 -11.59 3.14 -4.62
CA TRP A 199 -11.61 4.27 -3.71
C TRP A 199 -12.91 4.34 -2.93
N VAL A 200 -14.05 4.10 -3.57
CA VAL A 200 -15.33 4.16 -2.87
C VAL A 200 -15.38 3.10 -1.78
N ILE A 201 -14.94 1.89 -2.09
CA ILE A 201 -14.94 0.83 -1.08
C ILE A 201 -13.93 1.14 0.02
N SER A 202 -12.82 1.80 -0.32
CA SER A 202 -11.85 2.17 0.71
C SER A 202 -12.42 3.17 1.70
N ALA A 203 -13.32 4.04 1.27
CA ALA A 203 -13.93 5.03 2.16
C ALA A 203 -15.19 4.53 2.81
N VAL A 204 -15.82 3.48 2.26
CA VAL A 204 -16.97 2.86 2.89
C VAL A 204 -16.58 1.89 4.00
N ILE A 205 -15.28 1.62 4.16
CA ILE A 205 -14.81 0.78 5.25
C ILE A 205 -14.36 1.68 6.39
N SER A 206 -13.90 2.89 6.06
CA SER A 206 -13.49 3.85 7.06
C SER A 206 -14.68 4.47 7.78
N PHE A 207 -15.70 4.89 7.04
CA PHE A 207 -16.90 5.47 7.62
C PHE A 207 -18.06 4.50 7.44
N PRO A 208 -18.27 3.56 8.34
CA PRO A 208 -19.38 2.62 8.21
C PRO A 208 -20.64 3.16 8.87
N PRO A 209 -21.40 4.02 8.19
CA PRO A 209 -22.55 4.65 8.84
C PRO A 209 -23.63 3.64 9.24
N PRO A 227 -6.18 12.94 27.40
CA PRO A 227 -6.49 13.07 25.97
C PRO A 227 -5.69 12.11 25.10
N ARG A 228 -6.28 10.98 24.75
CA ARG A 228 -5.63 9.98 23.91
C ARG A 228 -6.44 9.78 22.65
N CYS A 229 -5.80 9.98 21.50
CA CYS A 229 -6.44 9.76 20.20
C CYS A 229 -6.08 8.37 19.67
N GLU A 230 -6.49 7.36 20.43
CA GLU A 230 -6.23 5.97 20.10
C GLU A 230 -7.51 5.31 19.62
N ILE A 231 -7.35 4.31 18.75
CA ILE A 231 -8.51 3.66 18.15
C ILE A 231 -9.41 3.07 19.24
N ASN A 232 -10.72 3.26 19.09
CA ASN A 232 -11.68 2.65 20.05
C ASN A 232 -12.98 2.26 19.34
N GLN A 234 -15.33 -1.52 18.39
CA GLN A 234 -16.42 -2.51 18.16
C GLN A 234 -15.78 -3.80 17.67
N LYS A 235 -15.82 -4.86 18.47
CA LYS A 235 -15.09 -6.10 18.08
C LYS A 235 -15.64 -6.68 16.78
N TRP A 236 -16.97 -6.72 16.62
CA TRP A 236 -17.52 -7.36 15.40
C TRP A 236 -17.11 -6.57 14.14
N TYR A 237 -17.20 -5.24 14.19
CA TYR A 237 -16.71 -4.40 13.06
C TYR A 237 -15.18 -4.48 12.93
N VAL A 238 -14.46 -4.50 14.04
CA VAL A 238 -12.96 -4.43 13.95
C VAL A 238 -12.49 -5.62 13.12
N ILE A 239 -13.14 -6.77 13.27
CA ILE A 239 -12.80 -7.91 12.39
C ILE A 239 -13.29 -7.65 10.96
N SER A 240 -14.58 -7.47 10.75
CA SER A 240 -14.99 -7.26 9.35
C SER A 240 -13.95 -6.38 8.64
N SER A 241 -13.65 -5.21 9.18
CA SER A 241 -12.76 -4.28 8.43
C SER A 241 -11.36 -4.85 8.24
N CYS A 242 -10.75 -5.45 9.26
CA CYS A 242 -9.39 -5.94 8.97
C CYS A 242 -9.49 -7.04 7.91
N ILE A 243 -10.47 -7.94 7.99
CA ILE A 243 -10.49 -9.07 7.01
C ILE A 243 -10.73 -8.49 5.62
N GLY A 244 -11.75 -7.66 5.43
CA GLY A 244 -11.90 -7.09 4.09
C GLY A 244 -10.75 -6.22 3.66
N SER A 245 -10.23 -5.38 4.56
CA SER A 245 -9.12 -4.43 4.23
C SER A 245 -7.83 -5.16 3.85
N PHE A 246 -7.50 -6.25 4.55
CA PHE A 246 -6.20 -6.93 4.29
C PHE A 246 -6.37 -8.39 3.98
N PHE A 247 -6.80 -9.20 4.93
CA PHE A 247 -6.83 -10.64 4.62
C PHE A 247 -7.34 -10.82 3.19
N ALA A 248 -8.46 -10.22 2.80
CA ALA A 248 -9.03 -10.48 1.46
C ALA A 248 -8.07 -10.04 0.36
N PRO A 249 -7.57 -8.79 0.29
CA PRO A 249 -6.53 -8.38 -0.69
C PRO A 249 -5.27 -9.23 -0.65
N CYS A 250 -4.87 -9.74 0.51
CA CYS A 250 -3.72 -10.63 0.65
C CYS A 250 -3.96 -12.00 0.05
N LEU A 251 -5.11 -12.61 0.33
CA LEU A 251 -5.40 -13.94 -0.19
C LEU A 251 -5.66 -13.93 -1.69
N ILE A 252 -6.12 -12.80 -2.22
CA ILE A 252 -6.52 -12.71 -3.62
C ILE A 252 -5.37 -12.09 -4.41
N MET A 253 -4.24 -11.88 -3.73
CA MET A 253 -3.06 -11.35 -4.39
C MET A 253 -1.92 -12.35 -4.30
N ILE A 254 -1.92 -13.16 -3.24
CA ILE A 254 -0.97 -14.27 -3.17
C ILE A 254 -1.35 -15.34 -4.18
N LEU A 255 -2.64 -15.63 -4.32
CA LEU A 255 -3.11 -16.58 -5.32
C LEU A 255 -2.86 -16.10 -6.74
N VAL A 256 -3.01 -14.80 -6.99
CA VAL A 256 -2.85 -14.24 -8.32
C VAL A 256 -1.39 -14.17 -8.70
N TYR A 257 -0.51 -14.46 -7.73
CA TYR A 257 0.92 -14.41 -8.00
C TYR A 257 1.50 -15.83 -8.01
N VAL A 258 0.83 -16.76 -7.35
CA VAL A 258 1.30 -18.19 -7.35
C VAL A 258 0.71 -18.87 -8.58
N ARG A 259 -0.40 -18.38 -9.15
CA ARG A 259 -0.92 -18.91 -10.44
C ARG A 259 -0.27 -18.15 -11.60
N ILE A 260 0.55 -17.12 -11.34
CA ILE A 260 1.30 -16.40 -12.42
C ILE A 260 2.69 -17.01 -12.42
N TYR A 261 3.26 -17.25 -11.25
CA TYR A 261 4.49 -18.01 -11.22
C TYR A 261 4.34 -19.39 -11.81
N GLN A 262 3.22 -20.06 -11.58
CA GLN A 262 3.02 -21.38 -12.23
C GLN A 262 2.94 -21.19 -13.76
N ILE A 263 2.11 -20.29 -14.26
CA ILE A 263 1.96 -20.07 -15.73
C ILE A 263 3.35 -19.77 -16.30
N ALA A 264 4.03 -18.78 -15.75
CA ALA A 264 5.33 -18.36 -16.33
C ALA A 264 6.35 -19.48 -16.28
N LYS A 265 6.45 -20.24 -15.20
CA LYS A 265 7.54 -21.26 -15.20
C LYS A 265 7.13 -22.36 -16.15
N ARG A 266 5.85 -22.45 -16.50
CA ARG A 266 5.32 -23.46 -17.42
C ARG A 266 5.63 -23.10 -18.87
N ARG A 267 5.92 -21.83 -19.15
CA ARG A 267 6.42 -21.40 -20.44
C ARG A 267 7.87 -21.77 -20.66
N THR A 268 8.66 -21.82 -19.59
CA THR A 268 10.07 -22.17 -19.70
C THR A 268 10.25 -23.64 -20.04
N ARG A 269 9.36 -24.50 -19.57
CA ARG A 269 9.44 -25.92 -19.87
C ARG A 269 8.90 -26.21 -21.27
N GLY A 405 18.31 -15.30 -20.37
CA GLY A 405 17.34 -16.36 -20.65
C GLY A 405 17.98 -17.71 -20.41
N ARG A 406 19.11 -17.71 -19.69
CA ARG A 406 19.84 -18.97 -19.44
C ARG A 406 20.07 -19.09 -17.94
N GLN A 407 19.06 -19.56 -17.20
CA GLN A 407 19.18 -19.79 -15.73
C GLN A 407 18.98 -18.47 -15.01
N ASN A 408 18.74 -17.39 -15.75
CA ASN A 408 18.44 -16.13 -15.03
C ASN A 408 17.03 -15.67 -15.41
N ARG A 409 16.48 -16.17 -16.52
CA ARG A 409 15.13 -15.68 -16.81
C ARG A 409 14.22 -16.16 -15.67
N GLU A 410 14.32 -17.42 -15.27
CA GLU A 410 13.55 -17.93 -14.10
C GLU A 410 14.09 -17.34 -12.78
N LYS A 411 15.41 -17.27 -12.61
CA LYS A 411 16.01 -16.83 -11.32
C LYS A 411 15.69 -15.37 -11.11
N ARG A 412 15.37 -14.65 -12.18
CA ARG A 412 14.93 -13.25 -12.01
C ARG A 412 13.43 -13.21 -11.68
N PHE A 413 12.57 -14.02 -12.30
CA PHE A 413 11.17 -13.86 -11.93
C PHE A 413 10.81 -14.61 -10.67
N THR A 414 11.70 -15.45 -10.16
CA THR A 414 11.52 -15.98 -8.81
C THR A 414 11.73 -14.90 -7.76
N PHE A 415 12.57 -13.91 -8.08
CA PHE A 415 12.83 -12.79 -7.18
C PHE A 415 11.90 -11.62 -7.44
N VAL A 416 11.66 -11.30 -8.72
CA VAL A 416 10.73 -10.23 -9.06
C VAL A 416 9.34 -10.49 -8.51
N LEU A 417 8.96 -11.76 -8.36
CA LEU A 417 7.70 -12.13 -7.75
C LEU A 417 7.77 -12.24 -6.23
N ALA A 418 8.84 -12.84 -5.70
CA ALA A 418 9.01 -12.97 -4.27
C ALA A 418 9.02 -11.63 -3.57
N VAL A 419 9.78 -10.66 -4.09
CA VAL A 419 9.81 -9.33 -3.47
C VAL A 419 8.42 -8.72 -3.49
N VAL A 420 7.75 -8.80 -4.64
CA VAL A 420 6.46 -8.16 -4.84
C VAL A 420 5.42 -8.71 -3.87
N ILE A 421 5.41 -10.03 -3.65
CA ILE A 421 4.35 -10.62 -2.86
C ILE A 421 4.83 -10.81 -1.42
N GLY A 422 6.07 -10.44 -1.13
CA GLY A 422 6.57 -10.62 0.21
C GLY A 422 6.77 -9.33 0.99
N VAL A 423 7.09 -8.23 0.30
CA VAL A 423 7.17 -6.96 0.98
C VAL A 423 5.81 -6.61 1.57
N PHE A 424 4.73 -6.90 0.84
CA PHE A 424 3.38 -6.72 1.35
C PHE A 424 3.17 -7.46 2.66
N VAL A 425 3.52 -8.74 2.68
CA VAL A 425 3.24 -9.60 3.83
C VAL A 425 4.10 -9.20 5.02
N VAL A 426 5.34 -8.84 4.77
CA VAL A 426 6.26 -8.48 5.85
C VAL A 426 6.08 -7.04 6.31
N CYS A 427 5.35 -6.21 5.57
CA CYS A 427 5.06 -4.87 6.05
C CYS A 427 3.69 -4.79 6.72
N TRP A 428 2.64 -5.21 6.03
CA TRP A 428 1.28 -5.03 6.52
C TRP A 428 0.78 -6.17 7.39
N PHE A 429 1.12 -7.42 7.05
CA PHE A 429 0.48 -8.56 7.69
C PHE A 429 0.67 -8.56 9.21
N PRO A 430 1.89 -8.33 9.72
CA PRO A 430 2.06 -8.38 11.18
C PRO A 430 1.12 -7.45 11.93
N PHE A 431 0.92 -6.24 11.41
CA PHE A 431 0.04 -5.29 12.08
C PHE A 431 -1.38 -5.82 12.15
N PHE A 432 -1.91 -6.30 11.04
CA PHE A 432 -3.28 -6.78 11.01
C PHE A 432 -3.46 -8.05 11.83
N PHE A 433 -2.48 -8.95 11.81
CA PHE A 433 -2.54 -10.12 12.67
C PHE A 433 -2.56 -9.72 14.15
N THR A 434 -1.69 -8.79 14.54
CA THR A 434 -1.68 -8.34 15.93
C THR A 434 -3.00 -7.67 16.31
N TYR A 435 -3.53 -6.84 15.42
CA TYR A 435 -4.77 -6.11 15.68
C TYR A 435 -5.95 -7.07 15.84
N THR A 436 -5.98 -8.12 15.02
CA THR A 436 -7.10 -9.04 15.27
C THR A 436 -6.71 -9.96 16.41
N LEU A 437 -5.41 -10.19 16.63
CA LEU A 437 -5.05 -11.00 17.83
C LEU A 437 -5.51 -10.24 19.08
N THR A 438 -5.33 -8.92 19.12
CA THR A 438 -5.82 -8.11 20.25
C THR A 438 -7.31 -7.95 20.13
N ALA A 439 -7.86 -8.03 18.92
CA ALA A 439 -9.32 -7.97 18.79
C ALA A 439 -9.92 -9.16 19.53
N VAL A 440 -9.30 -10.32 19.39
CA VAL A 440 -9.78 -11.50 20.14
C VAL A 440 -9.27 -11.34 21.58
N GLY A 441 -8.21 -10.56 21.77
CA GLY A 441 -7.73 -10.26 23.14
C GLY A 441 -6.48 -11.00 23.52
N CYS A 442 -5.81 -11.65 22.56
CA CYS A 442 -4.49 -12.25 22.88
C CYS A 442 -3.52 -11.07 23.07
N SER A 443 -2.79 -11.02 24.16
CA SER A 443 -1.94 -9.84 24.44
C SER A 443 -0.83 -9.67 23.41
N VAL A 444 -0.58 -8.44 22.99
CA VAL A 444 0.58 -8.13 22.10
C VAL A 444 1.29 -7.04 22.90
N PRO A 445 2.63 -7.02 23.07
CA PRO A 445 3.28 -5.95 23.88
C PRO A 445 2.69 -4.61 23.45
N ARG A 446 2.64 -3.62 24.35
CA ARG A 446 2.19 -2.29 23.86
C ARG A 446 3.26 -1.92 22.83
N THR A 447 4.52 -2.22 23.15
CA THR A 447 5.57 -2.01 22.17
C THR A 447 5.48 -3.19 21.25
N LEU A 448 6.39 -3.34 20.29
CA LEU A 448 6.25 -4.56 19.45
C LEU A 448 4.88 -4.53 18.79
N PHE A 449 4.16 -3.42 18.90
CA PHE A 449 2.91 -3.23 18.13
C PHE A 449 3.13 -1.88 17.47
N LYS A 450 3.91 -1.03 18.15
CA LYS A 450 4.22 0.32 17.63
C LYS A 450 5.20 0.14 16.48
N PHE A 451 6.04 -0.87 16.57
CA PHE A 451 6.87 -1.20 15.42
C PHE A 451 6.02 -1.58 14.22
N PHE A 452 5.00 -2.42 14.42
CA PHE A 452 4.12 -2.84 13.34
C PHE A 452 3.31 -1.69 12.74
N PHE A 453 2.76 -0.84 13.61
CA PHE A 453 1.98 0.34 13.14
C PHE A 453 2.82 1.07 12.18
N TRP A 454 3.97 1.49 12.66
CA TRP A 454 4.85 2.29 11.80
C TRP A 454 5.35 1.46 10.64
N PHE A 455 5.28 0.13 10.73
CA PHE A 455 5.85 -0.72 9.65
C PHE A 455 4.94 -0.62 8.43
N GLY A 456 3.64 -0.54 8.65
CA GLY A 456 2.69 -0.42 7.54
C GLY A 456 2.84 0.91 6.85
N TYR A 457 2.88 2.00 7.61
CA TYR A 457 2.98 3.35 7.00
C TYR A 457 4.26 3.41 6.19
N CYS A 458 5.20 2.53 6.52
CA CYS A 458 6.50 2.52 5.83
C CYS A 458 6.43 1.60 4.59
N ASN A 459 5.35 0.84 4.46
CA ASN A 459 5.19 0.02 3.25
C ASN A 459 4.69 0.85 2.08
N SER A 460 3.91 1.89 2.36
CA SER A 460 3.47 2.80 1.31
C SER A 460 4.63 3.57 0.69
N SER A 461 5.76 3.68 1.38
CA SER A 461 6.95 4.29 0.83
C SER A 461 7.71 3.39 -0.13
N LEU A 462 7.57 2.07 0.02
CA LEU A 462 8.18 1.11 -0.89
C LEU A 462 7.26 0.76 -2.06
N ASN A 463 5.95 0.87 -1.87
CA ASN A 463 5.00 0.50 -2.92
C ASN A 463 5.31 1.20 -4.25
N PRO A 464 5.61 2.50 -4.25
CA PRO A 464 5.93 3.16 -5.53
C PRO A 464 7.18 2.63 -6.19
N VAL A 465 8.05 1.97 -5.44
CA VAL A 465 9.29 1.45 -6.02
C VAL A 465 9.13 0.01 -6.46
N ILE A 466 8.39 -0.80 -5.71
CA ILE A 466 8.23 -2.21 -6.06
C ILE A 466 7.54 -2.36 -7.40
N TYR A 467 6.51 -1.57 -7.64
CA TYR A 467 5.71 -1.70 -8.86
C TYR A 467 6.25 -0.87 -10.02
N THR A 468 7.39 -0.21 -9.85
CA THR A 468 7.96 0.62 -10.90
C THR A 468 9.40 0.25 -11.27
N ILE A 469 10.20 -0.23 -10.32
CA ILE A 469 11.61 -0.47 -10.60
C ILE A 469 11.80 -1.76 -11.40
N PHE A 470 10.89 -2.72 -11.26
CA PHE A 470 10.99 -3.97 -11.99
C PHE A 470 10.48 -3.85 -13.42
N ASN A 471 10.27 -2.63 -13.91
CA ASN A 471 9.72 -2.39 -15.24
C ASN A 471 10.71 -1.53 -16.01
N HIS A 472 11.13 -2.04 -17.17
CA HIS A 472 12.17 -1.39 -18.01
C HIS A 472 11.69 -0.06 -18.55
N ASP A 473 10.41 0.02 -18.81
CA ASP A 473 9.82 1.26 -19.32
C ASP A 473 9.89 2.36 -18.27
N PHE A 474 9.45 2.04 -17.06
CA PHE A 474 9.50 2.96 -15.94
C PHE A 474 10.94 3.34 -15.63
N ARG A 475 11.84 2.36 -15.71
CA ARG A 475 13.25 2.59 -15.42
C ARG A 475 13.92 3.52 -16.42
N ARG A 476 13.56 3.40 -17.70
CA ARG A 476 14.11 4.30 -18.77
C ARG A 476 13.47 5.68 -18.63
N ALA A 477 12.21 5.72 -18.20
CA ALA A 477 11.57 7.01 -17.98
C ALA A 477 12.16 7.76 -16.80
N PHE A 478 12.51 7.06 -15.73
CA PHE A 478 13.10 7.70 -14.57
C PHE A 478 14.49 8.25 -14.90
N LYS A 479 15.21 7.57 -15.80
CA LYS A 479 16.52 8.03 -16.22
C LYS A 479 16.41 9.40 -16.86
N LYS A 480 15.37 9.64 -17.67
CA LYS A 480 15.16 10.95 -18.33
C LYS A 480 14.93 12.04 -17.28
N ILE A 481 14.00 11.86 -16.34
CA ILE A 481 13.68 12.90 -15.32
C ILE A 481 14.92 13.16 -14.45
N LEU A 482 15.66 12.12 -14.05
CA LEU A 482 16.80 12.31 -13.10
C LEU A 482 18.16 11.96 -13.74
N CYS A 483 18.42 12.38 -14.97
CA CYS A 483 19.70 12.17 -15.63
C CYS A 483 20.83 12.93 -14.94
C10 A1CIZ B . -7.30 -0.74 10.11
C13 A1CIZ B . -1.44 1.79 9.68
C01 A1CIZ B . -8.50 -1.27 12.35
N02 A1CIZ B . -8.34 -1.33 10.90
C03 A1CIZ B . -9.23 -2.00 10.01
C04 A1CIZ B . -8.77 -1.86 8.72
C05 A1CIZ B . -7.54 -1.05 8.74
C06 A1CIZ B . -6.61 -0.55 7.77
C07 A1CIZ B . -5.51 0.21 8.16
C08 A1CIZ B . -5.24 0.54 9.53
C09 A1CIZ B . -6.15 0.05 10.48
C11 A1CIZ B . -3.95 1.40 9.82
C12 A1CIZ B . -2.84 1.47 9.12
C14 A1CIZ B . -1.51 2.18 11.13
N15 A1CIZ B . -2.78 2.92 11.45
C16 A1CIZ B . -3.96 2.10 11.21
#